data_1JMS
#
_entry.id   1JMS
#
_cell.length_a   47.100
_cell.length_b   85.200
_cell.length_c   111.700
_cell.angle_alpha   90.00
_cell.angle_beta   90.00
_cell.angle_gamma   90.00
#
_symmetry.space_group_name_H-M   'P 21 21 21'
#
loop_
_entity.id
_entity.type
_entity.pdbx_description
1 polymer 'TERMINAL DEOXYNUCLEOTIDYLTRANSFERASE'
2 non-polymer 'MAGNESIUM ION'
3 non-polymer 'SODIUM ION'
4 water water
#
_entity_poly.entity_id   1
_entity_poly.type   'polypeptide(L)'
_entity_poly.pdbx_seq_one_letter_code
;NSSPSPVPGSQNVPAPAVKKISQYACQRRTTLNNYNQLFTDALDILAENDELRENEGSCLAFMRASSVLKSLPFPITSMK
DTEGIPCLGDKVKSIIEGIIEDGESSEAKAVLNDERYKSFKLFTSVFGVGLKTAEKWFRMGFRTLSKIQSDKSLRFTQMQ
KAGFLYYEDLVSCVNRPEAEAVSMLVKEAVVTFLPDALVTMTGGFRRGKMTGHDVDFLITSPEATEDEEQQLLHKVTDFW
KQQGLLLYCDILESTFEKFKQPSRKVDALDHFQKCFLILKLDHGRVHSEKSGQQEGKGWKAIRVDLVMCPYDRRAFALLG
WTGSRQFERDLRRYATHERKMMLDNHALYDRTKRVFLEAESEEEIFAHLGLDYIEPWERNA
;
_entity_poly.pdbx_strand_id   A
#
loop_
_chem_comp.id
_chem_comp.type
_chem_comp.name
_chem_comp.formula
MG non-polymer 'MAGNESIUM ION' 'Mg 2'
NA non-polymer 'SODIUM ION' 'Na 1'
#
# COMPACT_ATOMS: atom_id res chain seq x y z
N LYS A 19 -4.22 25.08 -15.91
CA LYS A 19 -3.42 25.92 -14.97
C LYS A 19 -2.01 25.33 -14.85
N LYS A 20 -1.35 25.59 -13.72
CA LYS A 20 -0.01 25.06 -13.49
C LYS A 20 -0.14 23.74 -12.72
N ILE A 21 0.72 22.79 -13.06
CA ILE A 21 0.71 21.48 -12.43
C ILE A 21 1.51 21.48 -11.13
N SER A 22 0.83 21.18 -10.02
CA SER A 22 1.49 21.15 -8.72
C SER A 22 2.51 20.02 -8.59
N GLN A 23 3.58 20.27 -7.83
CA GLN A 23 4.58 19.25 -7.59
C GLN A 23 4.04 18.25 -6.57
N TYR A 24 2.94 18.60 -5.91
CA TYR A 24 2.33 17.72 -4.92
C TYR A 24 1.22 16.86 -5.49
N ALA A 25 1.32 15.54 -5.28
CA ALA A 25 0.30 14.65 -5.79
C ALA A 25 -1.06 14.92 -5.11
N CYS A 26 -1.03 15.43 -3.88
CA CYS A 26 -2.26 15.73 -3.16
C CYS A 26 -2.97 16.97 -3.69
N GLN A 27 -2.41 17.57 -4.74
CA GLN A 27 -3.00 18.73 -5.40
C GLN A 27 -3.16 18.39 -6.89
N ARG A 28 -3.25 17.10 -7.17
CA ARG A 28 -3.38 16.59 -8.53
C ARG A 28 -4.44 15.49 -8.52
N ARG A 29 -5.16 15.36 -9.63
CA ARG A 29 -6.17 14.31 -9.73
C ARG A 29 -5.55 13.20 -10.58
N THR A 30 -5.35 12.03 -9.99
CA THR A 30 -4.76 10.91 -10.70
C THR A 30 -5.69 9.70 -10.72
N THR A 31 -6.31 9.48 -11.88
CA THR A 31 -7.23 8.37 -12.08
C THR A 31 -6.45 7.19 -12.64
N LEU A 32 -7.13 6.08 -12.87
CA LEU A 32 -6.47 4.91 -13.41
C LEU A 32 -6.24 4.97 -14.93
N ASN A 33 -6.70 6.04 -15.56
CA ASN A 33 -6.49 6.23 -17.00
C ASN A 33 -5.11 6.85 -17.17
N ASN A 34 -4.11 5.98 -17.32
CA ASN A 34 -2.72 6.40 -17.47
C ASN A 34 -2.36 6.54 -18.94
N TYR A 35 -2.12 7.77 -19.39
CA TYR A 35 -1.76 8.02 -20.79
C TYR A 35 -0.26 7.89 -21.02
N ASN A 36 0.50 7.60 -19.96
CA ASN A 36 1.95 7.49 -20.11
C ASN A 36 2.58 6.22 -19.54
N GLN A 37 1.90 5.09 -19.73
CA GLN A 37 2.40 3.81 -19.24
C GLN A 37 3.83 3.47 -19.67
N LEU A 38 4.20 3.77 -20.90
CA LEU A 38 5.55 3.46 -21.35
C LEU A 38 6.59 4.14 -20.48
N PHE A 39 6.40 5.43 -20.23
CA PHE A 39 7.33 6.18 -19.41
C PHE A 39 7.19 5.73 -17.96
N THR A 40 5.93 5.62 -17.53
CA THR A 40 5.59 5.20 -16.18
C THR A 40 6.15 3.84 -15.73
N ASP A 41 6.05 2.83 -16.60
CA ASP A 41 6.56 1.50 -16.24
C ASP A 41 8.08 1.51 -16.11
N ALA A 42 8.76 2.21 -17.00
CA ALA A 42 10.22 2.27 -16.96
C ALA A 42 10.61 2.98 -15.66
N LEU A 43 9.90 4.06 -15.34
CA LEU A 43 10.19 4.81 -14.14
C LEU A 43 9.95 3.98 -12.87
N ASP A 44 8.86 3.21 -12.84
CA ASP A 44 8.56 2.39 -11.67
C ASP A 44 9.67 1.35 -11.47
N ILE A 45 10.11 0.73 -12.57
CA ILE A 45 11.20 -0.26 -12.52
C ILE A 45 12.48 0.34 -11.93
N LEU A 46 12.87 1.52 -12.43
CA LEU A 46 14.07 2.22 -11.96
C LEU A 46 13.91 2.59 -10.49
N ALA A 47 12.72 3.05 -10.11
CA ALA A 47 12.50 3.40 -8.70
C ALA A 47 12.63 2.13 -7.85
N GLU A 48 11.96 1.06 -8.28
CA GLU A 48 12.02 -0.20 -7.55
C GLU A 48 13.47 -0.69 -7.40
N ASN A 49 14.26 -0.55 -8.47
CA ASN A 49 15.65 -0.98 -8.41
C ASN A 49 16.41 -0.23 -7.32
N ASP A 50 16.19 1.08 -7.23
CA ASP A 50 16.86 1.88 -6.20
C ASP A 50 16.40 1.50 -4.80
N GLU A 51 15.13 1.18 -4.64
CA GLU A 51 14.59 0.78 -3.36
C GLU A 51 15.22 -0.53 -2.88
N LEU A 52 15.34 -1.49 -3.79
CA LEU A 52 15.93 -2.79 -3.49
C LEU A 52 17.42 -2.64 -3.13
N ARG A 53 17.99 -1.49 -3.50
CA ARG A 53 19.39 -1.19 -3.21
C ARG A 53 19.49 -0.16 -2.09
N GLU A 54 18.34 0.17 -1.50
CA GLU A 54 18.28 1.15 -0.41
C GLU A 54 18.92 2.50 -0.74
N ASN A 55 18.72 2.95 -1.97
CA ASN A 55 19.23 4.24 -2.43
C ASN A 55 18.03 5.21 -2.35
N GLU A 56 17.72 5.64 -1.14
CA GLU A 56 16.60 6.55 -0.87
C GLU A 56 16.34 7.66 -1.89
N GLY A 57 17.23 8.64 -1.91
CA GLY A 57 17.11 9.79 -2.80
C GLY A 57 16.73 9.50 -4.23
N SER A 58 17.50 8.65 -4.90
CA SER A 58 17.24 8.31 -6.29
C SER A 58 15.85 7.69 -6.45
N CYS A 59 15.50 6.81 -5.53
CA CYS A 59 14.22 6.12 -5.56
C CYS A 59 13.04 7.09 -5.53
N LEU A 60 13.06 7.99 -4.56
CA LEU A 60 11.99 8.97 -4.41
C LEU A 60 11.92 9.89 -5.62
N ALA A 61 13.08 10.21 -6.20
CA ALA A 61 13.09 11.07 -7.37
C ALA A 61 12.35 10.36 -8.52
N PHE A 62 12.63 9.07 -8.71
CA PHE A 62 11.96 8.32 -9.76
C PHE A 62 10.45 8.20 -9.49
N MET A 63 10.08 7.94 -8.23
CA MET A 63 8.67 7.82 -7.89
C MET A 63 7.90 9.12 -8.11
N ARG A 64 8.52 10.25 -7.78
CA ARG A 64 7.87 11.55 -7.97
C ARG A 64 7.63 11.84 -9.45
N ALA A 65 8.63 11.53 -10.28
CA ALA A 65 8.54 11.78 -11.72
C ALA A 65 7.47 10.90 -12.37
N SER A 66 7.44 9.64 -11.96
CA SER A 66 6.48 8.69 -12.50
C SER A 66 5.06 9.11 -12.06
N SER A 67 4.98 9.60 -10.84
CA SER A 67 3.70 10.02 -10.29
C SER A 67 3.07 11.18 -11.07
N VAL A 68 3.88 12.19 -11.42
CA VAL A 68 3.35 13.34 -12.15
C VAL A 68 2.85 12.95 -13.55
N LEU A 69 3.59 12.07 -14.23
CA LEU A 69 3.19 11.66 -15.57
C LEU A 69 1.89 10.84 -15.57
N LYS A 70 1.64 10.08 -14.52
CA LYS A 70 0.42 9.28 -14.45
C LYS A 70 -0.77 10.24 -14.38
N SER A 71 -0.48 11.44 -13.91
CA SER A 71 -1.48 12.48 -13.74
C SER A 71 -1.89 13.16 -15.06
N LEU A 72 -1.07 13.01 -16.09
CA LEU A 72 -1.37 13.67 -17.35
C LEU A 72 -2.61 13.18 -18.07
N PRO A 73 -3.36 14.13 -18.67
CA PRO A 73 -4.58 13.83 -19.41
C PRO A 73 -4.28 13.55 -20.90
N PHE A 74 -3.00 13.53 -21.24
CA PHE A 74 -2.58 13.26 -22.61
C PHE A 74 -1.23 12.57 -22.60
N PRO A 75 -0.89 11.85 -23.67
CA PRO A 75 0.40 11.15 -23.73
C PRO A 75 1.51 12.04 -24.30
N ILE A 76 2.70 11.92 -23.72
CA ILE A 76 3.85 12.69 -24.16
C ILE A 76 4.34 12.09 -25.49
N THR A 77 4.58 12.94 -26.48
CA THR A 77 5.06 12.45 -27.77
C THR A 77 6.25 13.24 -28.31
N SER A 78 6.79 14.13 -27.49
CA SER A 78 7.95 14.94 -27.85
C SER A 78 8.48 15.59 -26.57
N MET A 79 9.78 15.93 -26.59
CA MET A 79 10.41 16.54 -25.44
C MET A 79 9.75 17.88 -25.10
N LYS A 80 9.05 18.44 -26.07
CA LYS A 80 8.37 19.73 -25.88
C LYS A 80 7.18 19.62 -24.90
N ASP A 81 6.46 18.51 -24.97
CA ASP A 81 5.30 18.29 -24.10
C ASP A 81 5.66 18.26 -22.63
N THR A 82 6.96 18.16 -22.35
CA THR A 82 7.46 18.11 -20.98
C THR A 82 7.60 19.48 -20.34
N GLU A 83 7.84 20.50 -21.14
CA GLU A 83 8.01 21.86 -20.61
C GLU A 83 6.88 22.21 -19.66
N GLY A 84 7.25 22.78 -18.51
CA GLY A 84 6.25 23.18 -17.54
C GLY A 84 5.94 22.16 -16.46
N ILE A 85 6.27 20.88 -16.69
CA ILE A 85 5.99 19.86 -15.70
C ILE A 85 7.09 19.75 -14.63
N PRO A 86 6.70 19.74 -13.35
CA PRO A 86 7.66 19.62 -12.26
C PRO A 86 8.04 18.16 -12.00
N CYS A 87 9.02 17.95 -11.12
CA CYS A 87 9.47 16.63 -10.75
C CYS A 87 10.19 15.87 -11.85
N LEU A 88 10.64 16.59 -12.88
CA LEU A 88 11.33 16.00 -14.01
C LEU A 88 12.74 16.56 -14.19
N GLY A 89 13.71 16.00 -13.45
CA GLY A 89 15.08 16.47 -13.56
C GLY A 89 15.75 16.08 -14.86
N ASP A 90 17.05 16.36 -14.96
CA ASP A 90 17.82 16.03 -16.15
C ASP A 90 18.01 14.53 -16.26
N LYS A 91 18.15 13.87 -15.12
CA LYS A 91 18.33 12.42 -15.11
C LYS A 91 17.12 11.73 -15.73
N VAL A 92 15.93 12.15 -15.34
CA VAL A 92 14.69 11.57 -15.84
C VAL A 92 14.36 11.94 -17.29
N LYS A 93 14.62 13.18 -17.68
CA LYS A 93 14.33 13.59 -19.05
C LYS A 93 15.17 12.82 -20.04
N SER A 94 16.34 12.35 -19.61
CA SER A 94 17.21 11.57 -20.47
C SER A 94 16.47 10.27 -20.79
N ILE A 95 15.81 9.75 -19.77
CA ILE A 95 15.05 8.52 -19.89
C ILE A 95 13.78 8.73 -20.74
N ILE A 96 13.15 9.89 -20.58
CA ILE A 96 11.96 10.22 -21.36
C ILE A 96 12.36 10.26 -22.83
N GLU A 97 13.51 10.89 -23.05
CA GLU A 97 14.11 11.05 -24.37
C GLU A 97 14.26 9.72 -25.12
N GLY A 98 14.85 8.74 -24.44
CA GLY A 98 15.04 7.44 -25.05
C GLY A 98 13.73 6.76 -25.35
N ILE A 99 12.74 6.96 -24.50
CA ILE A 99 11.43 6.35 -24.70
C ILE A 99 10.78 6.96 -25.94
N ILE A 100 10.94 8.28 -26.10
CA ILE A 100 10.37 8.97 -27.26
C ILE A 100 10.92 8.33 -28.54
N GLU A 101 12.22 8.06 -28.55
CA GLU A 101 12.84 7.46 -29.72
C GLU A 101 12.50 5.98 -29.86
N ASP A 102 13.34 5.12 -29.28
CA ASP A 102 13.17 3.68 -29.32
C ASP A 102 11.76 3.18 -29.00
N GLY A 103 11.12 3.88 -28.06
CA GLY A 103 9.81 3.45 -27.63
C GLY A 103 10.04 2.64 -26.35
N GLU A 104 11.30 2.48 -25.98
CA GLU A 104 11.70 1.76 -24.78
C GLU A 104 12.90 2.41 -24.12
N SER A 105 13.19 1.98 -22.90
CA SER A 105 14.29 2.53 -22.12
C SER A 105 15.43 1.54 -21.92
N SER A 106 16.64 1.92 -22.32
CA SER A 106 17.79 1.03 -22.17
C SER A 106 18.16 0.93 -20.70
N GLU A 107 17.87 1.97 -19.93
CA GLU A 107 18.16 1.96 -18.50
C GLU A 107 17.22 0.96 -17.81
N ALA A 108 15.94 1.02 -18.14
CA ALA A 108 14.97 0.11 -17.54
C ALA A 108 15.34 -1.31 -17.97
N LYS A 109 15.67 -1.44 -19.25
CA LYS A 109 16.05 -2.72 -19.84
C LYS A 109 17.22 -3.32 -19.04
N ALA A 110 18.21 -2.48 -18.73
CA ALA A 110 19.37 -2.94 -17.97
C ALA A 110 18.98 -3.49 -16.60
N VAL A 111 18.08 -2.81 -15.90
CA VAL A 111 17.65 -3.28 -14.59
C VAL A 111 16.91 -4.61 -14.70
N LEU A 112 16.06 -4.74 -15.70
CA LEU A 112 15.31 -5.99 -15.86
C LEU A 112 16.20 -7.20 -16.11
N ASN A 113 17.42 -6.96 -16.57
CA ASN A 113 18.35 -8.05 -16.83
C ASN A 113 19.40 -8.16 -15.73
N ASP A 114 19.37 -7.21 -14.81
CA ASP A 114 20.31 -7.21 -13.69
C ASP A 114 19.97 -8.41 -12.82
N GLU A 115 20.98 -9.19 -12.45
CA GLU A 115 20.78 -10.37 -11.62
C GLU A 115 20.32 -10.03 -10.22
N ARG A 116 20.99 -9.07 -9.60
CA ARG A 116 20.61 -8.67 -8.25
C ARG A 116 19.13 -8.25 -8.23
N TYR A 117 18.71 -7.47 -9.23
CA TYR A 117 17.33 -7.03 -9.32
C TYR A 117 16.37 -8.20 -9.49
N LYS A 118 16.69 -9.11 -10.41
CA LYS A 118 15.84 -10.25 -10.65
C LYS A 118 15.69 -11.10 -9.38
N SER A 119 16.80 -11.39 -8.72
CA SER A 119 16.77 -12.19 -7.51
C SER A 119 15.98 -11.55 -6.38
N PHE A 120 16.29 -10.28 -6.09
CA PHE A 120 15.61 -9.59 -5.01
C PHE A 120 14.10 -9.53 -5.21
N LYS A 121 13.67 -9.20 -6.43
CA LYS A 121 12.25 -9.14 -6.70
C LYS A 121 11.61 -10.52 -6.54
N LEU A 122 12.37 -11.56 -6.88
CA LEU A 122 11.87 -12.93 -6.76
C LEU A 122 11.74 -13.39 -5.31
N PHE A 123 12.80 -13.18 -4.54
CA PHE A 123 12.79 -13.58 -3.13
C PHE A 123 11.76 -12.73 -2.38
N THR A 124 11.69 -11.47 -2.77
CA THR A 124 10.78 -10.48 -2.19
C THR A 124 9.31 -10.79 -2.48
N SER A 125 9.05 -11.56 -3.54
CA SER A 125 7.68 -11.91 -3.86
C SER A 125 7.17 -12.95 -2.86
N VAL A 126 8.06 -13.38 -1.96
CA VAL A 126 7.67 -14.36 -0.95
C VAL A 126 7.25 -13.65 0.32
N PHE A 127 6.07 -13.97 0.82
CA PHE A 127 5.56 -13.37 2.05
C PHE A 127 6.54 -13.66 3.19
N GLY A 128 6.92 -12.61 3.92
CA GLY A 128 7.86 -12.77 5.02
C GLY A 128 9.29 -12.50 4.63
N VAL A 129 9.55 -12.36 3.34
CA VAL A 129 10.92 -12.11 2.89
C VAL A 129 11.20 -10.63 2.66
N GLY A 130 12.03 -10.05 3.53
CA GLY A 130 12.38 -8.64 3.40
C GLY A 130 13.72 -8.50 2.70
N LEU A 131 14.22 -7.28 2.60
CA LEU A 131 15.48 -7.02 1.93
C LEU A 131 16.69 -7.70 2.57
N LYS A 132 16.76 -7.70 3.90
CA LYS A 132 17.90 -8.35 4.56
C LYS A 132 17.96 -9.84 4.23
N THR A 133 16.81 -10.52 4.25
CA THR A 133 16.80 -11.94 3.94
C THR A 133 17.12 -12.20 2.46
N ALA A 134 16.62 -11.32 1.60
CA ALA A 134 16.88 -11.47 0.17
C ALA A 134 18.38 -11.35 -0.10
N GLU A 135 19.01 -10.37 0.52
CA GLU A 135 20.44 -10.15 0.33
C GLU A 135 21.22 -11.37 0.79
N LYS A 136 20.83 -11.90 1.94
CA LYS A 136 21.48 -13.08 2.51
C LYS A 136 21.49 -14.24 1.51
N TRP A 137 20.31 -14.60 1.01
CA TRP A 137 20.18 -15.69 0.05
C TRP A 137 20.94 -15.40 -1.23
N PHE A 138 20.85 -14.15 -1.70
CA PHE A 138 21.56 -13.76 -2.91
C PHE A 138 23.07 -13.97 -2.75
N ARG A 139 23.59 -13.52 -1.61
CA ARG A 139 25.02 -13.65 -1.33
C ARG A 139 25.48 -15.06 -0.98
N MET A 140 24.53 -15.98 -0.87
CA MET A 140 24.89 -17.37 -0.60
C MET A 140 24.93 -18.10 -1.93
N GLY A 141 24.50 -17.41 -3.00
CA GLY A 141 24.51 -17.99 -4.32
C GLY A 141 23.16 -18.43 -4.85
N PHE A 142 22.14 -18.36 -4.01
CA PHE A 142 20.80 -18.77 -4.42
C PHE A 142 20.20 -17.85 -5.48
N ARG A 143 19.53 -18.43 -6.45
CA ARG A 143 18.92 -17.66 -7.54
C ARG A 143 17.48 -18.09 -7.86
N THR A 144 17.02 -19.18 -7.26
CA THR A 144 15.66 -19.67 -7.49
C THR A 144 14.95 -20.09 -6.21
N LEU A 145 13.63 -19.93 -6.19
CA LEU A 145 12.82 -20.30 -5.05
C LEU A 145 12.96 -21.78 -4.69
N SER A 146 13.05 -22.61 -5.72
CA SER A 146 13.18 -24.05 -5.54
C SER A 146 14.43 -24.45 -4.74
N LYS A 147 15.58 -23.89 -5.13
CA LYS A 147 16.83 -24.19 -4.43
C LYS A 147 16.74 -23.75 -2.97
N ILE A 148 15.98 -22.69 -2.73
CA ILE A 148 15.79 -22.14 -1.39
C ILE A 148 14.99 -23.11 -0.54
N GLN A 149 13.81 -23.45 -1.04
CA GLN A 149 12.91 -24.36 -0.34
C GLN A 149 13.49 -25.74 -0.05
N SER A 150 14.26 -26.28 -1.00
CA SER A 150 14.83 -27.60 -0.83
C SER A 150 16.12 -27.65 -0.03
N ASP A 151 16.81 -26.52 0.09
CA ASP A 151 18.06 -26.50 0.86
C ASP A 151 17.77 -27.02 2.26
N LYS A 152 18.39 -28.14 2.61
CA LYS A 152 18.16 -28.74 3.92
C LYS A 152 18.96 -28.10 5.05
N SER A 153 19.51 -26.92 4.79
CA SER A 153 20.31 -26.23 5.81
C SER A 153 19.71 -24.89 6.26
N LEU A 154 18.99 -24.22 5.35
CA LEU A 154 18.38 -22.94 5.67
C LEU A 154 17.28 -23.05 6.72
N ARG A 155 17.02 -21.94 7.41
CA ARG A 155 15.97 -21.90 8.42
C ARG A 155 15.07 -20.70 8.07
N PHE A 156 13.76 -20.88 8.17
CA PHE A 156 12.83 -19.81 7.83
C PHE A 156 11.95 -19.39 8.98
N THR A 157 11.55 -18.12 8.98
CA THR A 157 10.68 -17.60 10.01
C THR A 157 9.31 -18.21 9.79
N GLN A 158 8.46 -18.14 10.79
CA GLN A 158 7.11 -18.68 10.70
C GLN A 158 6.38 -18.04 9.51
N MET A 159 6.59 -16.74 9.34
CA MET A 159 5.97 -15.97 8.26
C MET A 159 6.44 -16.46 6.87
N GLN A 160 7.73 -16.72 6.73
CA GLN A 160 8.25 -17.18 5.45
C GLN A 160 7.76 -18.59 5.10
N LYS A 161 7.62 -19.45 6.10
CA LYS A 161 7.12 -20.80 5.85
C LYS A 161 5.73 -20.68 5.24
N ALA A 162 4.91 -19.79 5.81
CA ALA A 162 3.56 -19.56 5.31
C ALA A 162 3.64 -18.97 3.92
N GLY A 163 4.65 -18.13 3.68
CA GLY A 163 4.82 -17.53 2.38
C GLY A 163 5.08 -18.57 1.30
N PHE A 164 5.85 -19.61 1.65
CA PHE A 164 6.16 -20.67 0.71
C PHE A 164 4.98 -21.63 0.57
N LEU A 165 4.37 -21.97 1.70
CA LEU A 165 3.25 -22.90 1.70
C LEU A 165 2.10 -22.48 0.79
N TYR A 166 1.85 -21.19 0.65
CA TYR A 166 0.75 -20.73 -0.20
C TYR A 166 1.22 -19.78 -1.28
N TYR A 167 2.49 -19.87 -1.64
CA TYR A 167 3.07 -19.02 -2.66
C TYR A 167 2.18 -18.83 -3.90
N GLU A 168 1.77 -19.94 -4.49
CA GLU A 168 0.93 -19.91 -5.70
C GLU A 168 -0.32 -19.04 -5.61
N ASP A 169 -1.12 -19.25 -4.55
CA ASP A 169 -2.31 -18.45 -4.41
C ASP A 169 -1.96 -16.97 -4.18
N LEU A 170 -0.92 -16.73 -3.38
CA LEU A 170 -0.52 -15.36 -3.08
C LEU A 170 0.07 -14.60 -4.25
N VAL A 171 0.70 -15.29 -5.20
CA VAL A 171 1.27 -14.60 -6.36
C VAL A 171 0.13 -14.19 -7.27
N SER A 172 -0.94 -14.98 -7.26
CA SER A 172 -2.12 -14.70 -8.06
C SER A 172 -2.79 -13.44 -7.54
N CYS A 173 -3.07 -12.50 -8.43
CA CYS A 173 -3.72 -11.26 -8.04
C CYS A 173 -5.04 -11.58 -7.36
N VAL A 174 -5.57 -10.62 -6.61
CA VAL A 174 -6.86 -10.79 -5.95
C VAL A 174 -7.83 -9.93 -6.76
N ASN A 175 -9.01 -10.47 -7.05
CA ASN A 175 -10.05 -9.76 -7.83
C ASN A 175 -10.96 -8.97 -6.92
N ARG A 176 -11.87 -8.21 -7.52
CA ARG A 176 -12.85 -7.49 -6.73
C ARG A 176 -13.79 -8.55 -6.15
N PRO A 177 -14.24 -9.50 -6.99
CA PRO A 177 -15.14 -10.53 -6.47
C PRO A 177 -14.58 -11.21 -5.21
N GLU A 178 -13.29 -11.56 -5.22
CA GLU A 178 -12.66 -12.19 -4.06
C GLU A 178 -12.57 -11.18 -2.91
N ALA A 179 -12.24 -9.94 -3.24
CA ALA A 179 -12.13 -8.90 -2.24
C ALA A 179 -13.46 -8.70 -1.52
N GLU A 180 -14.57 -8.79 -2.26
CA GLU A 180 -15.90 -8.63 -1.68
C GLU A 180 -16.31 -9.82 -0.82
N ALA A 181 -15.87 -11.01 -1.20
CA ALA A 181 -16.20 -12.20 -0.43
C ALA A 181 -15.42 -12.09 0.88
N VAL A 182 -14.17 -11.63 0.78
CA VAL A 182 -13.36 -11.46 1.99
C VAL A 182 -14.08 -10.44 2.86
N SER A 183 -14.54 -9.35 2.22
CA SER A 183 -15.25 -8.31 2.96
C SER A 183 -16.39 -8.91 3.78
N MET A 184 -17.19 -9.76 3.13
CA MET A 184 -18.31 -10.41 3.79
C MET A 184 -17.88 -11.22 5.01
N LEU A 185 -16.76 -11.94 4.89
CA LEU A 185 -16.24 -12.73 6.01
C LEU A 185 -15.89 -11.84 7.20
N VAL A 186 -15.17 -10.76 6.92
CA VAL A 186 -14.77 -9.82 7.96
C VAL A 186 -15.99 -9.26 8.67
N LYS A 187 -17.00 -8.86 7.91
CA LYS A 187 -18.21 -8.29 8.50
C LYS A 187 -18.97 -9.31 9.37
N GLU A 188 -19.06 -10.54 8.91
CA GLU A 188 -19.76 -11.57 9.66
C GLU A 188 -19.09 -11.83 11.01
N ALA A 189 -17.77 -11.78 11.04
CA ALA A 189 -17.03 -12.01 12.27
C ALA A 189 -17.14 -10.82 13.21
N VAL A 190 -16.74 -9.65 12.71
CA VAL A 190 -16.76 -8.40 13.47
C VAL A 190 -18.13 -8.06 14.02
N VAL A 191 -19.17 -8.33 13.25
CA VAL A 191 -20.54 -8.06 13.68
C VAL A 191 -20.91 -8.92 14.88
N THR A 192 -20.27 -10.08 14.97
CA THR A 192 -20.52 -11.00 16.07
C THR A 192 -20.09 -10.46 17.44
N PHE A 193 -19.06 -9.62 17.48
CA PHE A 193 -18.58 -9.08 18.75
C PHE A 193 -18.84 -7.58 18.95
N LEU A 194 -19.20 -6.89 17.87
CA LEU A 194 -19.50 -5.46 17.93
C LEU A 194 -20.47 -5.17 16.79
N PRO A 195 -21.76 -5.49 16.99
CA PRO A 195 -22.82 -5.28 16.00
C PRO A 195 -22.91 -3.87 15.43
N ASP A 196 -22.25 -2.91 16.07
CA ASP A 196 -22.29 -1.54 15.57
C ASP A 196 -20.97 -1.17 14.90
N ALA A 197 -20.12 -2.17 14.67
CA ALA A 197 -18.82 -1.91 14.04
C ALA A 197 -18.92 -1.52 12.57
N LEU A 198 -18.05 -0.60 12.16
CA LEU A 198 -18.00 -0.14 10.79
C LEU A 198 -16.77 -0.76 10.14
N VAL A 199 -16.98 -1.42 9.01
CA VAL A 199 -15.89 -2.07 8.29
C VAL A 199 -15.76 -1.47 6.88
N THR A 200 -14.62 -0.85 6.61
CA THR A 200 -14.40 -0.23 5.31
C THR A 200 -13.23 -0.86 4.58
N MET A 201 -13.42 -1.17 3.30
CA MET A 201 -12.32 -1.73 2.52
C MET A 201 -11.47 -0.52 2.11
N THR A 202 -10.16 -0.61 2.29
CA THR A 202 -9.29 0.50 1.95
C THR A 202 -8.32 0.11 0.85
N GLY A 203 -7.15 0.77 0.83
CA GLY A 203 -6.15 0.44 -0.15
C GLY A 203 -6.55 0.57 -1.62
N GLY A 204 -5.83 -0.16 -2.47
CA GLY A 204 -6.09 -0.13 -3.90
C GLY A 204 -7.54 -0.29 -4.35
N PHE A 205 -8.25 -1.26 -3.77
CA PHE A 205 -9.64 -1.48 -4.17
C PHE A 205 -10.53 -0.28 -3.91
N ARG A 206 -10.28 0.46 -2.83
CA ARG A 206 -11.10 1.63 -2.53
C ARG A 206 -10.82 2.69 -3.59
N ARG A 207 -9.61 2.68 -4.14
CA ARG A 207 -9.26 3.67 -5.16
C ARG A 207 -9.73 3.24 -6.55
N GLY A 208 -10.50 2.15 -6.60
CA GLY A 208 -11.03 1.68 -7.87
C GLY A 208 -10.23 0.65 -8.64
N LYS A 209 -9.17 0.10 -8.06
CA LYS A 209 -8.38 -0.89 -8.78
C LYS A 209 -9.15 -2.21 -8.95
N MET A 210 -8.79 -2.97 -9.98
CA MET A 210 -9.44 -4.23 -10.30
C MET A 210 -8.75 -5.41 -9.65
N THR A 211 -7.50 -5.23 -9.27
CA THR A 211 -6.75 -6.29 -8.65
C THR A 211 -5.82 -5.74 -7.59
N GLY A 212 -5.32 -6.63 -6.73
CA GLY A 212 -4.42 -6.23 -5.68
C GLY A 212 -3.69 -7.47 -5.22
N HIS A 213 -2.70 -7.28 -4.35
CA HIS A 213 -1.94 -8.41 -3.84
C HIS A 213 -2.50 -8.86 -2.50
N ASP A 214 -3.40 -8.04 -1.95
CA ASP A 214 -4.06 -8.31 -0.67
C ASP A 214 -5.31 -7.45 -0.53
N VAL A 215 -6.04 -7.62 0.57
CA VAL A 215 -7.24 -6.83 0.80
C VAL A 215 -7.11 -6.18 2.18
N ASP A 216 -7.25 -4.86 2.25
CA ASP A 216 -7.13 -4.15 3.52
C ASP A 216 -8.48 -3.67 4.04
N PHE A 217 -8.57 -3.53 5.35
CA PHE A 217 -9.81 -3.06 5.96
C PHE A 217 -9.55 -2.19 7.18
N LEU A 218 -10.42 -1.21 7.38
CA LEU A 218 -10.34 -0.33 8.52
C LEU A 218 -11.58 -0.66 9.35
N ILE A 219 -11.39 -0.90 10.63
CA ILE A 219 -12.50 -1.24 11.52
C ILE A 219 -12.61 -0.28 12.69
N THR A 220 -13.82 0.17 12.97
CA THR A 220 -14.03 1.09 14.08
C THR A 220 -15.44 0.92 14.67
N SER A 221 -15.58 1.20 15.97
CA SER A 221 -16.85 1.06 16.67
C SER A 221 -17.22 2.33 17.45
N PRO A 222 -18.40 2.90 17.17
CA PRO A 222 -18.87 4.11 17.84
C PRO A 222 -18.98 4.01 19.36
N GLU A 223 -19.49 2.88 19.86
CA GLU A 223 -19.67 2.68 21.29
C GLU A 223 -18.72 1.70 21.96
N ALA A 224 -17.64 1.32 21.29
CA ALA A 224 -16.69 0.39 21.89
C ALA A 224 -15.87 1.04 23.00
N THR A 225 -15.47 0.25 23.99
CA THR A 225 -14.65 0.78 25.07
C THR A 225 -13.19 0.48 24.71
N GLU A 226 -12.26 1.20 25.32
CA GLU A 226 -10.85 0.98 25.05
C GLU A 226 -10.53 -0.50 25.15
N ASP A 227 -11.28 -1.19 26.01
CA ASP A 227 -11.10 -2.63 26.22
C ASP A 227 -11.64 -3.43 25.04
N GLU A 228 -12.88 -3.13 24.66
CA GLU A 228 -13.53 -3.82 23.56
C GLU A 228 -12.82 -3.71 22.21
N GLU A 229 -12.51 -2.49 21.80
CA GLU A 229 -11.84 -2.29 20.52
C GLU A 229 -10.47 -2.95 20.47
N GLN A 230 -9.87 -3.09 21.64
CA GLN A 230 -8.56 -3.71 21.75
C GLN A 230 -8.63 -5.24 21.66
N GLN A 231 -9.81 -5.80 21.94
CA GLN A 231 -9.99 -7.25 21.91
C GLN A 231 -10.63 -7.80 20.65
N LEU A 232 -11.38 -6.97 19.93
CA LEU A 232 -12.06 -7.42 18.72
C LEU A 232 -11.19 -8.25 17.79
N LEU A 233 -10.04 -7.71 17.38
CA LEU A 233 -9.18 -8.45 16.48
C LEU A 233 -8.79 -9.84 17.01
N HIS A 234 -8.51 -9.93 18.31
CA HIS A 234 -8.14 -11.21 18.90
C HIS A 234 -9.32 -12.19 18.83
N LYS A 235 -10.53 -11.68 19.02
CA LYS A 235 -11.72 -12.52 18.97
C LYS A 235 -11.99 -12.97 17.54
N VAL A 236 -12.05 -12.01 16.62
CA VAL A 236 -12.30 -12.30 15.21
C VAL A 236 -11.30 -13.34 14.70
N THR A 237 -10.04 -13.15 15.06
CA THR A 237 -9.00 -14.08 14.63
C THR A 237 -9.17 -15.45 15.31
N ASP A 238 -9.48 -15.46 16.60
CA ASP A 238 -9.71 -16.73 17.32
C ASP A 238 -10.84 -17.48 16.64
N PHE A 239 -11.92 -16.74 16.38
CA PHE A 239 -13.11 -17.26 15.72
C PHE A 239 -12.74 -17.98 14.42
N TRP A 240 -11.96 -17.31 13.57
CA TRP A 240 -11.55 -17.92 12.30
C TRP A 240 -10.65 -19.13 12.53
N LYS A 241 -9.94 -19.14 13.66
CA LYS A 241 -9.08 -20.25 14.00
C LYS A 241 -9.94 -21.49 14.26
N GLN A 242 -10.99 -21.30 15.06
CA GLN A 242 -11.91 -22.38 15.40
C GLN A 242 -12.49 -23.05 14.16
N GLN A 243 -12.75 -22.25 13.13
CA GLN A 243 -13.32 -22.78 11.90
C GLN A 243 -12.30 -23.20 10.85
N GLY A 244 -11.02 -23.03 11.18
CA GLY A 244 -9.95 -23.40 10.27
C GLY A 244 -9.76 -22.50 9.06
N LEU A 245 -10.11 -21.23 9.19
CA LEU A 245 -9.96 -20.28 8.08
C LEU A 245 -8.66 -19.48 8.20
N LEU A 246 -8.06 -19.52 9.39
CA LEU A 246 -6.84 -18.78 9.68
C LEU A 246 -5.57 -19.56 9.31
N LEU A 247 -4.93 -19.19 8.20
CA LEU A 247 -3.70 -19.87 7.77
C LEU A 247 -2.46 -19.21 8.34
N TYR A 248 -2.57 -17.93 8.67
CA TYR A 248 -1.47 -17.17 9.26
C TYR A 248 -2.02 -15.94 9.96
N CYS A 249 -1.52 -15.67 11.17
CA CYS A 249 -1.98 -14.53 11.94
C CYS A 249 -0.88 -13.89 12.76
N ASP A 250 -0.80 -12.57 12.71
CA ASP A 250 0.18 -11.81 13.47
C ASP A 250 -0.47 -10.49 13.84
N ILE A 251 -0.61 -10.27 15.14
CA ILE A 251 -1.24 -9.06 15.64
C ILE A 251 -0.24 -8.13 16.33
N LEU A 252 -0.19 -6.89 15.88
CA LEU A 252 0.71 -5.90 16.46
C LEU A 252 -0.10 -4.86 17.20
N GLU A 253 0.15 -4.73 18.50
CA GLU A 253 -0.56 -3.75 19.32
C GLU A 253 -0.30 -2.31 18.86
N SER A 254 -1.29 -1.45 19.08
CA SER A 254 -1.18 -0.06 18.69
C SER A 254 -0.06 0.69 19.41
N THR A 255 0.62 1.56 18.68
CA THR A 255 1.70 2.34 19.24
C THR A 255 1.36 3.83 19.20
N PHE A 256 0.13 4.14 18.78
CA PHE A 256 -0.34 5.52 18.72
C PHE A 256 -0.81 5.99 20.09
N GLU A 257 -0.42 7.21 20.44
CA GLU A 257 -0.81 7.81 21.72
C GLU A 257 -1.72 9.00 21.46
N LYS A 258 -2.86 9.00 22.14
CA LYS A 258 -3.87 10.03 22.00
C LYS A 258 -3.39 11.48 21.96
N PHE A 259 -2.46 11.85 22.85
CA PHE A 259 -2.00 13.23 22.87
C PHE A 259 -0.62 13.49 22.31
N LYS A 260 -0.08 12.52 21.58
CA LYS A 260 1.22 12.72 20.98
C LYS A 260 0.98 13.14 19.53
N GLN A 261 1.68 14.18 19.10
CA GLN A 261 1.54 14.68 17.74
C GLN A 261 2.40 13.90 16.77
N PRO A 262 1.99 13.85 15.50
CA PRO A 262 2.75 13.14 14.48
C PRO A 262 4.19 13.64 14.43
N SER A 263 5.14 12.72 14.34
CA SER A 263 6.55 13.08 14.30
C SER A 263 6.99 13.54 12.93
N ARG A 264 8.23 14.02 12.83
CA ARG A 264 8.80 14.50 11.56
C ARG A 264 9.02 13.30 10.65
N LYS A 265 8.12 12.31 10.74
CA LYS A 265 8.21 11.10 9.94
C LYS A 265 9.43 10.27 10.31
N VAL A 266 9.95 10.49 11.52
CA VAL A 266 11.12 9.76 12.00
C VAL A 266 11.05 8.29 11.61
N ASP A 267 9.85 7.72 11.68
CA ASP A 267 9.64 6.32 11.33
C ASP A 267 8.15 6.01 11.28
N ALA A 268 7.81 4.81 10.84
CA ALA A 268 6.42 4.38 10.74
C ALA A 268 6.06 3.42 11.87
N LEU A 269 6.84 3.44 12.95
CA LEU A 269 6.56 2.58 14.08
C LEU A 269 5.29 3.08 14.77
N ASP A 270 4.78 4.21 14.29
CA ASP A 270 3.55 4.79 14.82
C ASP A 270 2.42 4.24 13.97
N HIS A 271 1.56 3.43 14.59
CA HIS A 271 0.46 2.80 13.87
C HIS A 271 -0.58 2.27 14.86
N PHE A 272 -1.80 2.09 14.38
CA PHE A 272 -2.87 1.55 15.22
C PHE A 272 -2.70 0.05 15.31
N GLN A 273 -3.55 -0.60 16.10
CA GLN A 273 -3.51 -2.04 16.22
C GLN A 273 -3.86 -2.64 14.85
N LYS A 274 -3.07 -3.61 14.40
CA LYS A 274 -3.32 -4.22 13.11
C LYS A 274 -2.86 -5.67 13.09
N CYS A 275 -3.35 -6.43 12.11
CA CYS A 275 -2.97 -7.83 12.01
C CYS A 275 -2.78 -8.29 10.57
N PHE A 276 -1.65 -8.92 10.31
CA PHE A 276 -1.37 -9.42 8.97
C PHE A 276 -1.89 -10.85 8.95
N LEU A 277 -2.85 -11.12 8.08
CA LEU A 277 -3.45 -12.44 7.99
C LEU A 277 -3.43 -13.07 6.61
N ILE A 278 -3.63 -14.39 6.60
CA ILE A 278 -3.76 -15.15 5.38
C ILE A 278 -5.00 -15.98 5.68
N LEU A 279 -6.07 -15.76 4.92
CA LEU A 279 -7.32 -16.48 5.14
C LEU A 279 -7.60 -17.52 4.05
N LYS A 280 -8.34 -18.55 4.42
CA LYS A 280 -8.72 -19.60 3.48
C LYS A 280 -10.05 -19.14 2.90
N LEU A 281 -10.06 -18.81 1.62
CA LEU A 281 -11.28 -18.34 0.97
C LEU A 281 -11.90 -19.42 0.09
N ASP A 282 -13.06 -19.91 0.51
CA ASP A 282 -13.81 -20.94 -0.20
C ASP A 282 -14.38 -20.38 -1.50
N HIS A 283 -14.18 -21.12 -2.60
CA HIS A 283 -14.68 -20.67 -3.92
C HIS A 283 -16.18 -20.39 -3.91
N GLY A 284 -16.93 -21.23 -3.21
CA GLY A 284 -18.38 -21.08 -3.13
C GLY A 284 -18.83 -19.73 -2.62
N ARG A 285 -17.96 -19.02 -1.94
CA ARG A 285 -18.30 -17.70 -1.40
C ARG A 285 -18.00 -16.58 -2.41
N VAL A 286 -17.33 -16.92 -3.50
CA VAL A 286 -16.97 -15.95 -4.53
C VAL A 286 -17.99 -15.90 -5.66
N HIS A 287 -18.62 -14.75 -5.85
CA HIS A 287 -19.62 -14.60 -6.89
C HIS A 287 -19.07 -13.87 -8.10
N SER A 288 -18.36 -14.59 -8.96
CA SER A 288 -17.80 -14.00 -10.16
C SER A 288 -18.44 -14.63 -11.39
N GLU A 289 -18.05 -14.16 -12.57
CA GLU A 289 -18.59 -14.68 -13.82
C GLU A 289 -17.89 -15.96 -14.20
N LYS A 290 -17.06 -16.47 -13.28
CA LYS A 290 -16.31 -17.70 -13.51
C LYS A 290 -16.95 -18.85 -12.74
N SER A 291 -17.74 -19.66 -13.44
CA SER A 291 -18.42 -20.80 -12.84
C SER A 291 -17.64 -22.11 -13.05
N GLU A 295 -12.23 -26.90 -11.03
CA GLU A 295 -12.21 -26.57 -9.58
C GLU A 295 -10.90 -27.01 -8.92
N GLY A 296 -10.92 -28.19 -8.29
CA GLY A 296 -9.73 -28.71 -7.64
C GLY A 296 -9.31 -27.83 -6.48
N LYS A 297 -9.46 -28.32 -5.26
CA LYS A 297 -9.12 -27.54 -4.07
C LYS A 297 -10.04 -26.33 -4.12
N GLY A 298 -11.22 -26.47 -3.51
CA GLY A 298 -12.20 -25.40 -3.52
C GLY A 298 -11.95 -24.19 -2.65
N TRP A 299 -10.70 -23.73 -2.57
CA TRP A 299 -10.37 -22.54 -1.80
C TRP A 299 -9.11 -21.85 -2.30
N LYS A 300 -8.89 -20.64 -1.82
CA LYS A 300 -7.73 -19.84 -2.22
C LYS A 300 -7.25 -18.99 -1.03
N ALA A 301 -5.94 -19.04 -0.76
CA ALA A 301 -5.37 -18.27 0.33
C ALA A 301 -5.33 -16.79 -0.07
N ILE A 302 -5.62 -15.91 0.87
CA ILE A 302 -5.67 -14.48 0.57
C ILE A 302 -4.98 -13.66 1.66
N ARG A 303 -4.11 -12.73 1.26
CA ARG A 303 -3.46 -11.87 2.24
C ARG A 303 -4.49 -10.82 2.65
N VAL A 304 -4.65 -10.64 3.95
CA VAL A 304 -5.62 -9.69 4.46
C VAL A 304 -5.05 -8.90 5.64
N ASP A 305 -5.19 -7.59 5.59
CA ASP A 305 -4.71 -6.76 6.69
C ASP A 305 -5.91 -6.07 7.34
N LEU A 306 -5.96 -6.13 8.67
CA LEU A 306 -7.04 -5.51 9.41
C LEU A 306 -6.47 -4.44 10.33
N VAL A 307 -7.18 -3.32 10.43
CA VAL A 307 -6.74 -2.20 11.27
C VAL A 307 -7.90 -1.74 12.15
N MET A 308 -7.65 -1.57 13.44
CA MET A 308 -8.66 -1.13 14.39
C MET A 308 -8.24 0.23 14.92
N CYS A 309 -9.16 1.18 14.98
CA CYS A 309 -8.83 2.50 15.48
C CYS A 309 -9.97 3.11 16.27
N PRO A 310 -9.65 4.08 17.13
CA PRO A 310 -10.68 4.74 17.94
C PRO A 310 -11.65 5.46 17.00
N TYR A 311 -12.94 5.41 17.32
CA TYR A 311 -13.95 6.03 16.48
C TYR A 311 -13.63 7.47 16.05
N ASP A 312 -13.09 8.27 16.97
CA ASP A 312 -12.79 9.68 16.68
C ASP A 312 -11.57 9.94 15.77
N ARG A 313 -10.84 8.88 15.44
CA ARG A 313 -9.67 9.04 14.57
C ARG A 313 -9.87 8.32 13.23
N ARG A 314 -11.08 7.83 12.99
CA ARG A 314 -11.37 7.08 11.76
C ARG A 314 -11.04 7.83 10.48
N ALA A 315 -11.36 9.12 10.43
CA ALA A 315 -11.10 9.92 9.25
C ALA A 315 -9.62 9.94 8.87
N PHE A 316 -8.75 10.08 9.86
CA PHE A 316 -7.30 10.11 9.62
C PHE A 316 -6.75 8.75 9.20
N ALA A 317 -7.27 7.68 9.79
CA ALA A 317 -6.81 6.34 9.47
C ALA A 317 -7.20 6.04 8.02
N LEU A 318 -8.47 6.25 7.70
CA LEU A 318 -8.97 6.00 6.36
C LEU A 318 -8.14 6.75 5.32
N LEU A 319 -7.90 8.03 5.58
CA LEU A 319 -7.10 8.86 4.68
C LEU A 319 -5.77 8.19 4.48
N GLY A 320 -5.17 7.74 5.57
CA GLY A 320 -3.88 7.09 5.51
C GLY A 320 -3.87 5.76 4.77
N TRP A 321 -4.79 4.86 5.10
CA TRP A 321 -4.84 3.56 4.45
C TRP A 321 -5.46 3.52 3.06
N THR A 322 -6.04 4.62 2.60
CA THR A 322 -6.63 4.62 1.27
C THR A 322 -5.51 4.75 0.23
N GLY A 323 -4.40 5.36 0.65
CA GLY A 323 -3.27 5.54 -0.24
C GLY A 323 -3.62 6.45 -1.41
N SER A 324 -2.87 6.37 -2.50
CA SER A 324 -1.71 5.49 -2.65
C SER A 324 -0.55 6.02 -1.82
N ARG A 325 0.56 5.27 -1.80
CA ARG A 325 1.75 5.65 -1.07
C ARG A 325 2.21 7.07 -1.41
N GLN A 326 2.34 7.35 -2.70
CA GLN A 326 2.78 8.68 -3.14
C GLN A 326 1.83 9.76 -2.66
N PHE A 327 0.53 9.47 -2.74
CA PHE A 327 -0.47 10.44 -2.30
C PHE A 327 -0.25 10.71 -0.81
N GLU A 328 -0.04 9.64 -0.04
CA GLU A 328 0.20 9.75 1.39
C GLU A 328 1.47 10.57 1.67
N ARG A 329 2.55 10.29 0.94
CA ARG A 329 3.81 11.00 1.11
C ARG A 329 3.66 12.52 0.87
N ASP A 330 3.04 12.90 -0.23
CA ASP A 330 2.88 14.33 -0.53
C ASP A 330 1.87 15.04 0.37
N LEU A 331 0.86 14.32 0.84
CA LEU A 331 -0.11 14.91 1.74
C LEU A 331 0.67 15.40 2.95
N ARG A 332 1.55 14.53 3.46
CA ARG A 332 2.36 14.83 4.63
C ARG A 332 3.39 15.95 4.46
N ARG A 333 4.16 15.95 3.39
CA ARG A 333 5.15 17.01 3.23
C ARG A 333 4.49 18.32 2.83
N TYR A 334 3.32 18.22 2.21
CA TYR A 334 2.58 19.41 1.83
C TYR A 334 2.20 20.08 3.14
N ALA A 335 1.54 19.31 4.01
CA ALA A 335 1.10 19.76 5.31
C ALA A 335 2.23 20.43 6.11
N THR A 336 3.41 19.82 6.09
CA THR A 336 4.56 20.35 6.82
C THR A 336 5.22 21.60 6.22
N HIS A 337 5.58 21.51 4.94
CA HIS A 337 6.24 22.60 4.23
C HIS A 337 5.38 23.75 3.76
N GLU A 338 4.08 23.51 3.55
CA GLU A 338 3.22 24.59 3.08
C GLU A 338 2.26 25.16 4.12
N ARG A 339 1.92 24.38 5.14
CA ARG A 339 0.99 24.82 6.17
C ARG A 339 1.46 24.65 7.61
N LYS A 340 2.73 24.30 7.80
CA LYS A 340 3.28 24.08 9.13
C LYS A 340 2.38 23.19 10.00
N MET A 341 1.75 22.22 9.36
CA MET A 341 0.91 21.26 10.06
C MET A 341 1.61 19.91 10.03
N MET A 342 1.26 19.05 10.97
CA MET A 342 1.87 17.73 11.06
C MET A 342 0.75 16.69 10.90
N LEU A 343 0.85 15.86 9.86
CA LEU A 343 -0.19 14.86 9.57
C LEU A 343 0.17 13.42 9.93
N ASP A 344 -0.82 12.66 10.36
CA ASP A 344 -0.63 11.26 10.78
C ASP A 344 -1.86 10.41 10.50
N ASN A 345 -1.69 9.10 10.58
CA ASN A 345 -2.82 8.20 10.40
C ASN A 345 -3.73 8.37 11.63
N HIS A 346 -3.25 9.12 12.63
CA HIS A 346 -4.06 9.31 13.83
C HIS A 346 -4.37 10.76 14.21
N ALA A 347 -3.71 11.73 13.58
CA ALA A 347 -3.97 13.13 13.94
C ALA A 347 -3.40 14.17 12.97
N LEU A 348 -3.81 15.42 13.17
CA LEU A 348 -3.36 16.56 12.37
C LEU A 348 -3.07 17.68 13.37
N TYR A 349 -1.81 18.06 13.51
CA TYR A 349 -1.46 19.10 14.47
C TYR A 349 -1.03 20.43 13.82
N ASP A 350 -1.64 21.52 14.28
CA ASP A 350 -1.33 22.86 13.77
C ASP A 350 -0.29 23.51 14.68
N ARG A 351 0.95 23.54 14.23
CA ARG A 351 2.05 24.11 15.00
C ARG A 351 1.89 25.62 15.24
N THR A 352 1.20 26.29 14.33
CA THR A 352 0.99 27.73 14.44
C THR A 352 -0.02 28.07 15.54
N LYS A 353 -1.18 27.43 15.48
CA LYS A 353 -2.24 27.67 16.46
C LYS A 353 -2.10 26.80 17.70
N ARG A 354 -1.09 25.94 17.70
CA ARG A 354 -0.84 25.02 18.82
C ARG A 354 -2.06 24.22 19.20
N VAL A 355 -2.74 23.64 18.22
CA VAL A 355 -3.92 22.85 18.51
C VAL A 355 -4.08 21.68 17.57
N PHE A 356 -4.71 20.60 18.06
CA PHE A 356 -4.96 19.44 17.22
C PHE A 356 -6.27 19.75 16.50
N LEU A 357 -6.35 19.42 15.22
CA LEU A 357 -7.57 19.69 14.46
C LEU A 357 -8.43 18.43 14.36
N GLU A 358 -9.73 18.58 14.59
CA GLU A 358 -10.66 17.44 14.49
C GLU A 358 -11.25 17.28 13.09
N ALA A 359 -11.64 16.05 12.78
CA ALA A 359 -12.23 15.73 11.49
C ALA A 359 -13.13 14.51 11.58
N GLU A 360 -14.34 14.65 11.04
CA GLU A 360 -15.34 13.58 11.05
C GLU A 360 -15.35 12.88 9.68
N SER A 361 -14.56 13.42 8.75
CA SER A 361 -14.48 12.85 7.40
C SER A 361 -13.20 13.32 6.71
N GLU A 362 -12.86 12.63 5.63
CA GLU A 362 -11.66 12.99 4.87
C GLU A 362 -11.79 14.42 4.32
N GLU A 363 -12.98 14.79 3.87
CA GLU A 363 -13.21 16.13 3.34
C GLU A 363 -12.79 17.22 4.31
N GLU A 364 -13.14 17.07 5.58
CA GLU A 364 -12.76 18.05 6.60
C GLU A 364 -11.25 18.13 6.72
N ILE A 365 -10.58 17.00 6.62
CA ILE A 365 -9.13 16.98 6.70
C ILE A 365 -8.55 17.79 5.52
N PHE A 366 -9.11 17.59 4.33
CA PHE A 366 -8.65 18.34 3.17
C PHE A 366 -8.92 19.84 3.36
N ALA A 367 -10.08 20.16 3.93
CA ALA A 367 -10.44 21.55 4.18
C ALA A 367 -9.42 22.19 5.14
N HIS A 368 -9.07 21.47 6.21
CA HIS A 368 -8.12 21.96 7.20
C HIS A 368 -6.76 22.28 6.57
N LEU A 369 -6.37 21.47 5.59
CA LEU A 369 -5.11 21.65 4.88
C LEU A 369 -5.21 22.69 3.78
N GLY A 370 -6.43 23.16 3.52
CA GLY A 370 -6.61 24.14 2.48
C GLY A 370 -6.46 23.50 1.11
N LEU A 371 -6.86 22.24 1.00
CA LEU A 371 -6.76 21.50 -0.25
C LEU A 371 -8.13 21.15 -0.82
N ASP A 372 -8.29 21.29 -2.13
CA ASP A 372 -9.56 20.92 -2.76
C ASP A 372 -9.68 19.41 -2.56
N TYR A 373 -10.88 18.93 -2.28
CA TYR A 373 -11.07 17.51 -2.05
C TYR A 373 -10.78 16.61 -3.26
N ILE A 374 -10.00 15.57 -3.01
CA ILE A 374 -9.62 14.60 -4.04
C ILE A 374 -10.35 13.29 -3.72
N GLU A 375 -11.13 12.78 -4.67
CA GLU A 375 -11.85 11.51 -4.46
C GLU A 375 -10.86 10.34 -4.45
N PRO A 376 -11.23 9.23 -3.81
CA PRO A 376 -10.39 8.03 -3.71
C PRO A 376 -9.85 7.56 -5.07
N TRP A 377 -10.73 7.46 -6.06
CA TRP A 377 -10.33 7.00 -7.38
C TRP A 377 -9.44 8.04 -8.08
N GLU A 378 -9.27 9.20 -7.43
CA GLU A 378 -8.42 10.25 -7.99
C GLU A 378 -7.10 10.32 -7.21
N ARG A 379 -6.86 9.35 -6.34
CA ARG A 379 -5.63 9.33 -5.55
C ARG A 379 -4.62 8.29 -5.99
N ASN A 380 -4.74 7.80 -7.22
CA ASN A 380 -3.81 6.79 -7.70
C ASN A 380 -2.48 7.38 -8.17
N ALA A 381 -1.89 8.22 -7.32
CA ALA A 381 -0.62 8.86 -7.64
C ALA A 381 0.53 7.86 -7.55
MG MG B . -1.83 -4.11 3.18
NA NA C . 7.74 -10.02 0.64
#